data_2PE4
#
_entry.id   2PE4
#
_cell.length_a   92.050
_cell.length_b   92.050
_cell.length_c   143.810
_cell.angle_alpha   90.000
_cell.angle_beta   90.000
_cell.angle_gamma   120.000
#
_symmetry.space_group_name_H-M   'P 32 2 1'
#
loop_
_entity.id
_entity.type
_entity.pdbx_description
1 polymer Hyaluronidase-1
2 branched alpha-D-mannopyranose-(1-3)-alpha-D-mannopyranose-(1-6)-[alpha-D-mannopyranose-(1-3)]beta-D-mannopyranose-(1-4)-2-acetamido-2-deoxy-beta-D-glucopyranose-(1-4)-2-acetamido-2-deoxy-beta-D-glucopyranose
3 branched 2-acetamido-2-deoxy-beta-D-glucopyranose-(1-4)-2-acetamido-2-deoxy-beta-D-glucopyranose
4 non-polymer 'ACETATE ION'
5 non-polymer GLYCEROL
6 water water
#
_entity_poly.entity_id   1
_entity_poly.type   'polypeptide(L)'
_entity_poly.pdbx_seq_one_letter_code
;RSFRGPLLPNRPFTTVWNANTQWCLERHGVDVDVSVFDVVANPGQTFRGPDMTIFYSSQLGTYPYYTPTGEPVFGGLPQN
ASLIAHLARTFQDILAAIPAPDFSGLAVIDWEAWRPRWAFNWDTKDIYRQRSRALVQAQHPDWPAPQVEAVAQDQFQGAA
RAWMAGTLQLGRALRPRGLWGFYGFPDCYNYDFLSPNYTGQCPSGIRAQNDQLGWLWGQSRALYPSIYMPAVLEGTGKSQ
MYVQHRVAEAFRVAVAAGDPNLPVLPYVQIFYDTTNHFLPLDELEHSLGESAAQGAAGVVLWVSWENTRTKESCQAIKEY
MDTTLGPFILNVTSGALLCSQALCSGHGRCVRRTSHPKALLLLNPASFSIQLTPGGGPLSLRGALSLEDQAQMAVEFKCR
CYPGWQAPWCERKSMWTGHHHHHH
;
_entity_poly.pdbx_strand_id   A
#
loop_
_chem_comp.id
_chem_comp.type
_chem_comp.name
_chem_comp.formula
ACT non-polymer 'ACETATE ION' 'C2 H3 O2 -1'
BMA D-saccharide, beta linking beta-D-mannopyranose 'C6 H12 O6'
GOL non-polymer GLYCEROL 'C3 H8 O3'
MAN D-saccharide, alpha linking alpha-D-mannopyranose 'C6 H12 O6'
NAG D-saccharide, beta linking 2-acetamido-2-deoxy-beta-D-glucopyranose 'C8 H15 N O6'
#
# COMPACT_ATOMS: atom_id res chain seq x y z
N ARG A 1 12.95 -13.21 -7.04
CA ARG A 1 12.66 -12.02 -7.94
C ARG A 1 12.98 -10.61 -7.37
N SER A 2 12.63 -10.33 -6.11
CA SER A 2 12.94 -9.05 -5.46
C SER A 2 14.16 -9.27 -4.59
N PHE A 3 15.09 -8.32 -4.57
CA PHE A 3 16.35 -8.42 -3.77
C PHE A 3 16.62 -7.30 -2.74
N ARG A 4 15.69 -6.35 -2.56
CA ARG A 4 15.88 -5.29 -1.53
C ARG A 4 15.74 -5.86 -0.12
N GLY A 5 16.58 -5.37 0.78
CA GLY A 5 16.43 -5.67 2.24
C GLY A 5 15.55 -4.55 2.75
N PRO A 6 16.02 -3.84 3.79
CA PRO A 6 15.23 -2.75 4.31
C PRO A 6 15.22 -1.66 3.24
N LEU A 7 14.10 -0.97 3.04
CA LEU A 7 13.99 -0.05 1.88
C LEU A 7 14.86 1.16 2.08
N LEU A 8 15.09 1.52 3.35
CA LEU A 8 16.05 2.57 3.77
C LEU A 8 16.92 1.95 4.88
N PRO A 9 18.17 2.42 5.04
CA PRO A 9 19.04 1.88 6.09
C PRO A 9 18.39 1.85 7.46
N ASN A 10 18.55 0.73 8.19
CA ASN A 10 18.01 0.62 9.55
C ASN A 10 16.52 0.81 9.59
N ARG A 11 15.84 0.44 8.51
CA ARG A 11 14.37 0.60 8.50
C ARG A 11 13.72 -0.62 7.93
N PRO A 12 13.56 -1.65 8.76
CA PRO A 12 12.71 -2.79 8.33
C PRO A 12 11.28 -2.33 8.05
N PHE A 13 10.83 -1.29 8.77
CA PHE A 13 9.50 -0.73 8.60
C PHE A 13 9.71 0.78 8.35
N THR A 14 9.39 1.20 7.13
CA THR A 14 9.65 2.55 6.63
C THR A 14 8.29 3.35 6.66
N THR A 15 8.32 4.67 6.93
CA THR A 15 7.04 5.35 6.82
C THR A 15 7.10 6.50 5.82
N VAL A 16 6.05 6.64 5.01
CA VAL A 16 5.94 7.71 4.05
C VAL A 16 4.71 8.55 4.43
N TRP A 17 4.97 9.81 4.77
CA TRP A 17 3.92 10.79 5.01
C TRP A 17 3.51 11.39 3.66
N ASN A 18 2.36 10.95 3.14
CA ASN A 18 1.86 11.37 1.81
C ASN A 18 0.69 12.36 2.02
N ALA A 19 1.05 13.55 2.48
CA ALA A 19 0.15 14.58 2.94
C ALA A 19 0.61 15.95 2.44
N ASN A 20 -0.35 16.81 2.14
CA ASN A 20 -0.01 18.20 1.80
C ASN A 20 0.00 19.09 3.02
N THR A 21 0.89 18.74 3.96
CA THR A 21 1.09 19.56 5.13
C THR A 21 1.91 20.83 4.84
N GLN A 22 2.59 20.83 3.69
CA GLN A 22 3.23 22.00 3.11
C GLN A 22 2.22 23.14 2.89
N TRP A 23 1.02 22.79 2.44
CA TRP A 23 -0.09 23.73 2.35
C TRP A 23 -0.54 24.28 3.73
N CYS A 24 -0.65 23.41 4.73
CA CYS A 24 -0.98 23.83 6.08
C CYS A 24 -0.08 24.98 6.51
N LEU A 25 1.18 24.87 6.13
CA LEU A 25 2.20 25.83 6.55
C LEU A 25 2.13 27.11 5.69
N GLU A 26 2.15 26.95 4.37
CA GLU A 26 2.20 28.08 3.43
C GLU A 26 0.89 28.88 3.38
N ARG A 27 -0.24 28.18 3.49
CA ARG A 27 -1.51 28.84 3.44
C ARG A 27 -1.92 29.36 4.78
N HIS A 28 -1.82 28.52 5.82
CA HIS A 28 -2.40 28.81 7.12
C HIS A 28 -1.40 29.09 8.23
N GLY A 29 -0.09 28.99 7.99
CA GLY A 29 0.91 29.16 9.05
C GLY A 29 0.92 28.05 10.12
N VAL A 30 0.26 26.93 9.83
CA VAL A 30 0.23 25.81 10.76
C VAL A 30 1.39 24.89 10.41
N ASP A 31 2.27 24.70 11.37
CA ASP A 31 3.48 23.94 11.12
C ASP A 31 3.32 22.55 11.71
N VAL A 32 2.94 21.57 10.89
CA VAL A 32 2.84 20.18 11.35
C VAL A 32 4.27 19.55 11.34
N ASP A 33 4.67 18.97 12.46
CA ASP A 33 5.98 18.31 12.58
C ASP A 33 5.95 16.99 11.82
N VAL A 34 6.80 16.85 10.81
CA VAL A 34 6.85 15.68 9.97
C VAL A 34 8.25 15.00 10.05
N SER A 35 9.03 15.39 11.04
CA SER A 35 10.41 14.87 11.20
C SER A 35 10.42 13.39 11.59
N VAL A 36 9.33 12.87 12.14
CA VAL A 36 9.35 11.49 12.57
C VAL A 36 9.33 10.51 11.37
N PHE A 37 8.87 10.97 10.21
CA PHE A 37 8.72 10.08 9.05
C PHE A 37 10.03 9.86 8.31
N ASP A 38 10.15 8.76 7.58
CA ASP A 38 11.36 8.51 6.79
C ASP A 38 11.27 9.32 5.50
N VAL A 39 10.04 9.48 4.97
CA VAL A 39 9.78 10.13 3.69
C VAL A 39 8.56 11.02 3.87
N VAL A 40 8.67 12.24 3.33
CA VAL A 40 7.52 13.13 3.13
C VAL A 40 7.31 13.27 1.62
N ALA A 41 6.12 12.94 1.16
CA ALA A 41 5.85 12.99 -0.24
C ALA A 41 4.54 13.71 -0.42
N ASN A 42 4.62 14.97 -0.80
CA ASN A 42 3.44 15.78 -1.10
C ASN A 42 2.57 15.18 -2.22
N PRO A 43 1.28 14.86 -1.94
CA PRO A 43 0.42 14.35 -3.01
C PRO A 43 0.12 15.42 -4.08
N GLY A 44 0.43 16.68 -3.74
CA GLY A 44 0.34 17.81 -4.65
C GLY A 44 1.48 17.85 -5.65
N GLN A 45 2.49 17.00 -5.44
CA GLN A 45 3.57 16.77 -6.40
C GLN A 45 4.31 18.07 -6.70
N THR A 46 4.91 18.58 -5.64
CA THR A 46 5.60 19.86 -5.67
C THR A 46 7.06 19.68 -6.10
N PHE A 47 7.69 18.58 -5.69
CA PHE A 47 9.08 18.26 -6.11
C PHE A 47 9.14 16.82 -6.62
N ARG A 48 10.12 16.53 -7.47
CA ARG A 48 10.39 15.14 -7.91
C ARG A 48 11.58 14.48 -7.18
N GLY A 49 11.30 13.68 -6.15
CA GLY A 49 12.36 13.12 -5.29
C GLY A 49 12.74 11.66 -5.49
N PRO A 50 13.77 11.18 -4.75
CA PRO A 50 14.30 9.83 -4.93
C PRO A 50 13.50 8.68 -4.28
N ASP A 51 12.53 9.04 -3.45
CA ASP A 51 11.87 8.06 -2.59
C ASP A 51 10.46 7.69 -3.00
N MET A 52 9.78 8.57 -3.75
CA MET A 52 8.41 8.28 -4.20
C MET A 52 8.05 9.06 -5.46
N THR A 53 7.53 8.33 -6.46
CA THR A 53 6.76 8.89 -7.58
C THR A 53 5.38 8.26 -7.59
N ILE A 54 4.37 9.09 -7.86
CA ILE A 54 2.99 8.64 -7.97
C ILE A 54 2.54 8.99 -9.39
N PHE A 55 1.85 8.09 -10.06
CA PHE A 55 1.20 8.40 -11.29
C PHE A 55 -0.27 8.26 -11.08
N TYR A 56 -0.94 9.43 -11.03
CA TYR A 56 -2.38 9.52 -11.03
C TYR A 56 -2.86 9.14 -12.41
N SER A 57 -4.13 8.79 -12.55
CA SER A 57 -4.53 8.07 -13.76
C SER A 57 -4.42 8.95 -15.04
N SER A 58 -4.31 10.27 -14.88
CA SER A 58 -4.20 11.18 -16.03
C SER A 58 -2.77 11.48 -16.36
N GLN A 59 -1.84 10.87 -15.62
CA GLN A 59 -0.41 11.13 -15.80
C GLN A 59 0.43 10.03 -16.47
N LEU A 60 -0.10 8.82 -16.70
CA LEU A 60 0.74 7.73 -17.25
C LEU A 60 0.08 7.11 -18.48
N GLY A 61 0.64 7.46 -19.65
CA GLY A 61 0.03 7.16 -20.92
C GLY A 61 -1.38 7.70 -21.09
N THR A 62 -2.26 6.84 -21.58
CA THR A 62 -3.60 7.23 -21.94
C THR A 62 -4.62 6.29 -21.35
N TYR A 63 -4.89 6.47 -20.08
CA TYR A 63 -5.74 5.57 -19.32
C TYR A 63 -7.22 5.73 -19.67
N PRO A 64 -7.86 4.64 -20.11
CA PRO A 64 -9.26 4.69 -20.55
C PRO A 64 -10.22 4.49 -19.40
N TYR A 65 -11.27 5.30 -19.37
CA TYR A 65 -12.28 5.24 -18.33
C TYR A 65 -13.53 5.97 -18.78
N TYR A 66 -14.61 5.75 -18.07
CA TYR A 66 -15.83 6.52 -18.29
C TYR A 66 -15.98 7.57 -17.21
N THR A 67 -16.31 8.81 -17.61
CA THR A 67 -16.70 9.89 -16.68
C THR A 67 -17.93 9.43 -15.87
N PRO A 68 -18.26 10.14 -14.75
CA PRO A 68 -19.41 9.64 -13.98
C PRO A 68 -20.79 9.78 -14.65
N THR A 69 -20.87 10.50 -15.76
CA THR A 69 -22.06 10.55 -16.60
C THR A 69 -21.96 9.62 -17.82
N GLY A 70 -20.92 8.77 -17.85
CA GLY A 70 -20.80 7.69 -18.83
C GLY A 70 -20.15 7.99 -20.16
N GLU A 71 -19.47 9.13 -20.25
CA GLU A 71 -18.74 9.49 -21.48
C GLU A 71 -17.30 8.89 -21.50
N PRO A 72 -16.85 8.33 -22.65
CA PRO A 72 -15.57 7.65 -22.71
C PRO A 72 -14.42 8.63 -22.77
N VAL A 73 -13.35 8.33 -22.05
CA VAL A 73 -12.10 9.04 -22.20
C VAL A 73 -11.09 8.02 -22.74
N PHE A 74 -10.35 8.38 -23.79
CA PHE A 74 -9.47 7.44 -24.49
C PHE A 74 -10.12 6.10 -24.82
N GLY A 75 -11.43 6.09 -25.06
CA GLY A 75 -12.14 4.91 -25.51
C GLY A 75 -12.91 4.19 -24.43
N GLY A 76 -12.79 4.64 -23.18
CA GLY A 76 -13.54 4.07 -22.04
C GLY A 76 -13.03 2.75 -21.47
N LEU A 77 -12.67 1.83 -22.37
CA LEU A 77 -12.36 0.46 -22.06
C LEU A 77 -11.03 0.13 -22.68
N PRO A 78 -10.22 -0.71 -22.00
CA PRO A 78 -8.93 -1.02 -22.61
C PRO A 78 -9.04 -1.74 -24.01
N GLN A 79 -10.07 -2.57 -24.23
CA GLN A 79 -10.26 -3.22 -25.55
C GLN A 79 -10.77 -2.24 -26.61
N ASN A 80 -11.13 -1.02 -26.20
CA ASN A 80 -11.58 0.03 -27.13
C ASN A 80 -10.59 1.19 -27.23
N ALA A 81 -9.38 0.96 -26.75
CA ALA A 81 -8.34 1.98 -26.79
C ALA A 81 -7.12 1.35 -27.44
N SER A 82 -6.18 2.18 -27.88
CA SER A 82 -4.92 1.78 -28.50
C SER A 82 -3.79 1.59 -27.46
N LEU A 83 -3.35 0.36 -27.29
CA LEU A 83 -2.30 0.03 -26.33
C LEU A 83 -0.97 0.61 -26.83
N ILE A 84 -0.82 0.58 -28.14
CA ILE A 84 0.37 1.06 -28.80
C ILE A 84 0.55 2.58 -28.54
N ALA A 85 -0.54 3.34 -28.63
CA ALA A 85 -0.49 4.77 -28.33
C ALA A 85 -0.29 5.00 -26.84
N HIS A 86 -0.89 4.16 -26.02
CA HIS A 86 -0.70 4.22 -24.57
C HIS A 86 0.76 3.99 -24.21
N LEU A 87 1.36 2.96 -24.80
CA LEU A 87 2.75 2.63 -24.48
C LEU A 87 3.77 3.70 -24.94
N ALA A 88 3.46 4.36 -26.06
CA ALA A 88 4.30 5.44 -26.57
C ALA A 88 4.34 6.60 -25.60
N ARG A 89 3.17 7.04 -25.16
CA ARG A 89 3.04 8.12 -24.19
C ARG A 89 3.59 7.70 -22.79
N THR A 90 3.27 6.49 -22.34
CA THR A 90 3.85 5.94 -21.11
C THR A 90 5.39 6.03 -21.09
N PHE A 91 6.03 5.63 -22.19
CA PHE A 91 7.51 5.66 -22.29
C PHE A 91 8.03 7.05 -22.01
N GLN A 92 7.37 8.04 -22.62
CA GLN A 92 7.76 9.44 -22.50
C GLN A 92 7.36 9.97 -21.11
N ASP A 93 6.21 9.54 -20.59
CA ASP A 93 5.79 9.97 -19.25
C ASP A 93 6.75 9.54 -18.13
N ILE A 94 7.24 8.31 -18.20
CA ILE A 94 8.15 7.76 -17.21
C ILE A 94 9.49 8.53 -17.21
N LEU A 95 10.07 8.73 -18.39
CA LEU A 95 11.32 9.48 -18.50
C LEU A 95 11.24 10.91 -17.96
N ALA A 96 10.11 11.57 -18.13
CA ALA A 96 9.96 12.96 -17.65
C ALA A 96 9.71 12.95 -16.12
N ALA A 97 8.91 12.01 -15.61
CA ALA A 97 8.57 11.95 -14.18
C ALA A 97 9.71 11.41 -13.34
N ILE A 98 10.52 10.52 -13.91
CA ILE A 98 11.56 9.85 -13.19
C ILE A 98 12.86 10.05 -13.95
N PRO A 99 13.47 11.25 -13.83
CA PRO A 99 14.72 11.53 -14.55
C PRO A 99 15.97 10.72 -14.17
N ALA A 100 16.02 10.09 -13.00
CA ALA A 100 17.21 9.29 -12.67
C ALA A 100 17.02 7.82 -13.07
N PRO A 101 17.85 7.27 -14.00
CA PRO A 101 17.66 5.87 -14.40
C PRO A 101 17.77 4.83 -13.27
N ASP A 102 18.40 5.20 -12.17
CA ASP A 102 18.61 4.24 -11.09
C ASP A 102 17.68 4.52 -9.92
N PHE A 103 16.63 5.32 -10.16
CA PHE A 103 15.60 5.64 -9.21
C PHE A 103 15.17 4.36 -8.51
N SER A 104 15.15 4.38 -7.18
CA SER A 104 14.80 3.13 -6.49
C SER A 104 13.68 3.33 -5.44
N GLY A 105 12.85 4.38 -5.61
CA GLY A 105 11.82 4.68 -4.68
C GLY A 105 10.56 3.96 -5.08
N LEU A 106 9.49 4.21 -4.33
CA LEU A 106 8.14 3.79 -4.64
C LEU A 106 7.75 4.37 -5.98
N ALA A 107 7.15 3.55 -6.82
CA ALA A 107 6.57 4.00 -8.07
C ALA A 107 5.15 3.46 -8.09
N VAL A 108 4.24 4.30 -7.61
CA VAL A 108 2.86 3.94 -7.40
C VAL A 108 2.00 4.39 -8.61
N ILE A 109 1.36 3.43 -9.26
CA ILE A 109 0.40 3.77 -10.31
C ILE A 109 -1.01 3.70 -9.70
N ASP A 110 -1.76 4.78 -9.88
CA ASP A 110 -3.04 4.87 -9.26
C ASP A 110 -4.18 4.80 -10.30
N TRP A 111 -4.58 3.59 -10.62
CA TRP A 111 -5.61 3.28 -11.63
C TRP A 111 -6.79 2.69 -10.88
N GLU A 112 -7.86 3.45 -10.75
CA GLU A 112 -9.00 3.05 -9.96
C GLU A 112 -10.33 2.96 -10.69
N ALA A 113 -10.36 3.15 -12.01
CA ALA A 113 -11.62 3.05 -12.72
C ALA A 113 -12.17 1.62 -12.85
N TRP A 114 -11.70 0.88 -13.85
CA TRP A 114 -12.02 -0.55 -14.04
C TRP A 114 -11.02 -1.44 -13.31
N ARG A 115 -11.51 -2.61 -12.93
CA ARG A 115 -10.67 -3.65 -12.37
C ARG A 115 -10.35 -4.70 -13.41
N PRO A 116 -9.12 -5.27 -13.36
CA PRO A 116 -8.75 -6.29 -14.34
C PRO A 116 -9.56 -7.59 -14.30
N ARG A 117 -10.15 -7.90 -13.15
CA ARG A 117 -11.01 -9.10 -13.05
C ARG A 117 -12.45 -8.69 -13.30
N TRP A 118 -13.04 -9.23 -14.36
CA TRP A 118 -14.44 -8.97 -14.76
C TRP A 118 -15.42 -9.04 -13.58
N ALA A 119 -15.34 -10.14 -12.80
CA ALA A 119 -16.06 -10.33 -11.52
C ALA A 119 -16.05 -9.17 -10.51
N PHE A 120 -14.99 -8.35 -10.51
CA PHE A 120 -14.88 -7.27 -9.51
C PHE A 120 -15.43 -5.94 -9.99
N ASN A 121 -15.86 -5.86 -11.24
CA ASN A 121 -16.46 -4.60 -11.74
C ASN A 121 -17.96 -4.46 -11.41
N TRP A 122 -18.26 -4.37 -10.13
CA TRP A 122 -19.64 -4.31 -9.64
C TRP A 122 -19.96 -2.92 -9.13
N ASP A 123 -21.25 -2.70 -8.88
CA ASP A 123 -21.77 -1.42 -8.39
C ASP A 123 -21.55 -0.37 -9.46
N THR A 124 -20.90 0.74 -9.13
CA THR A 124 -20.61 1.82 -10.10
C THR A 124 -19.62 1.41 -11.19
N LYS A 125 -18.90 0.30 -10.99
CA LYS A 125 -17.99 -0.22 -12.01
C LYS A 125 -18.68 -1.14 -13.04
N ASP A 126 -19.92 -1.52 -12.77
CA ASP A 126 -20.68 -2.35 -13.72
C ASP A 126 -20.88 -1.66 -15.08
N ILE A 127 -20.62 -0.36 -15.18
CA ILE A 127 -20.59 0.30 -16.49
C ILE A 127 -19.55 -0.33 -17.43
N TYR A 128 -18.41 -0.77 -16.88
CA TYR A 128 -17.35 -1.39 -17.68
C TYR A 128 -17.84 -2.73 -18.28
N ARG A 129 -18.65 -3.46 -17.53
CA ARG A 129 -19.29 -4.65 -18.04
C ARG A 129 -20.38 -4.33 -19.07
N GLN A 130 -21.30 -3.44 -18.73
CA GLN A 130 -22.36 -3.03 -19.66
C GLN A 130 -21.79 -2.56 -20.99
N ARG A 131 -20.78 -1.69 -20.94
CA ARG A 131 -20.14 -1.17 -22.15
C ARG A 131 -19.29 -2.18 -22.90
N SER A 132 -18.73 -3.15 -22.18
CA SER A 132 -18.01 -4.27 -22.82
C SER A 132 -18.97 -5.09 -23.68
N ARG A 133 -20.14 -5.40 -23.13
CA ARG A 133 -21.22 -6.09 -23.84
C ARG A 133 -21.68 -5.28 -25.04
N ALA A 134 -21.93 -3.99 -24.84
CA ALA A 134 -22.34 -3.07 -25.93
C ALA A 134 -21.40 -3.08 -27.15
N LEU A 135 -20.10 -3.21 -26.90
CA LEU A 135 -19.09 -3.04 -27.94
C LEU A 135 -19.11 -4.21 -28.94
N VAL A 136 -19.32 -5.42 -28.41
CA VAL A 136 -19.39 -6.61 -29.25
C VAL A 136 -20.76 -6.76 -29.90
N GLN A 137 -21.80 -6.33 -29.18
CA GLN A 137 -23.18 -6.27 -29.68
C GLN A 137 -23.36 -5.31 -30.88
N ALA A 138 -22.65 -4.18 -30.88
CA ALA A 138 -22.60 -3.27 -32.04
C ALA A 138 -21.82 -3.82 -33.25
N GLN A 139 -20.75 -4.58 -32.97
CA GLN A 139 -19.90 -5.20 -34.00
C GLN A 139 -20.54 -6.47 -34.56
N HIS A 140 -21.35 -7.14 -33.74
CA HIS A 140 -22.10 -8.33 -34.15
C HIS A 140 -23.54 -8.20 -33.62
N PRO A 141 -24.43 -7.55 -34.41
CA PRO A 141 -25.76 -7.13 -33.94
C PRO A 141 -26.74 -8.28 -33.70
N ASP A 142 -26.50 -9.39 -34.38
CA ASP A 142 -27.36 -10.58 -34.30
C ASP A 142 -26.68 -11.64 -33.45
N TRP A 143 -26.48 -11.33 -32.17
CA TRP A 143 -25.78 -12.20 -31.22
C TRP A 143 -26.55 -12.35 -29.89
N PRO A 144 -26.82 -13.61 -29.45
CA PRO A 144 -27.53 -13.88 -28.18
C PRO A 144 -26.72 -13.50 -26.93
N ALA A 145 -27.42 -13.27 -25.81
CA ALA A 145 -26.84 -12.68 -24.60
C ALA A 145 -25.61 -13.41 -23.97
N PRO A 146 -25.70 -14.75 -23.72
CA PRO A 146 -24.56 -15.44 -23.08
C PRO A 146 -23.29 -15.54 -23.96
N GLN A 147 -23.47 -15.20 -25.24
CA GLN A 147 -22.40 -15.19 -26.24
C GLN A 147 -21.68 -13.83 -26.31
N VAL A 148 -22.42 -12.74 -26.14
CA VAL A 148 -21.80 -11.42 -26.00
C VAL A 148 -21.11 -11.28 -24.65
N GLU A 149 -21.61 -11.98 -23.62
CA GLU A 149 -21.07 -11.95 -22.27
C GLU A 149 -19.66 -12.57 -22.22
N ALA A 150 -19.58 -13.84 -22.61
CA ALA A 150 -18.31 -14.56 -22.73
C ALA A 150 -17.30 -13.88 -23.65
N VAL A 151 -17.76 -13.31 -24.77
CA VAL A 151 -16.82 -12.61 -25.66
C VAL A 151 -16.37 -11.26 -25.05
N ALA A 152 -17.31 -10.59 -24.38
CA ALA A 152 -17.06 -9.35 -23.64
C ALA A 152 -16.07 -9.58 -22.48
N GLN A 153 -16.35 -10.59 -21.64
CA GLN A 153 -15.50 -11.00 -20.53
C GLN A 153 -14.07 -11.32 -20.95
N ASP A 154 -13.89 -12.04 -22.06
CA ASP A 154 -12.56 -12.37 -22.55
C ASP A 154 -11.87 -11.18 -23.16
N GLN A 155 -12.63 -10.33 -23.85
CA GLN A 155 -12.00 -9.18 -24.48
C GLN A 155 -11.51 -8.19 -23.42
N PHE A 156 -12.37 -7.93 -22.44
CA PHE A 156 -12.08 -7.04 -21.34
C PHE A 156 -10.83 -7.48 -20.54
N GLN A 157 -10.89 -8.72 -20.04
CA GLN A 157 -9.86 -9.26 -19.20
C GLN A 157 -8.57 -9.39 -19.98
N GLY A 158 -8.66 -9.82 -21.24
CA GLY A 158 -7.49 -9.84 -22.11
C GLY A 158 -6.83 -8.49 -22.24
N ALA A 159 -7.61 -7.51 -22.69
CA ALA A 159 -7.15 -6.09 -22.74
C ALA A 159 -6.64 -5.49 -21.39
N ALA A 160 -7.42 -5.65 -20.32
CA ALA A 160 -7.09 -5.11 -19.00
C ALA A 160 -5.71 -5.61 -18.58
N ARG A 161 -5.45 -6.89 -18.89
CA ARG A 161 -4.19 -7.52 -18.54
C ARG A 161 -3.05 -6.99 -19.39
N ALA A 162 -3.28 -6.86 -20.71
CA ALA A 162 -2.21 -6.36 -21.58
C ALA A 162 -1.78 -4.97 -21.11
N TRP A 163 -2.75 -4.12 -20.80
CA TRP A 163 -2.51 -2.75 -20.40
C TRP A 163 -1.75 -2.62 -19.07
N MET A 164 -2.16 -3.41 -18.09
CA MET A 164 -1.58 -3.32 -16.74
C MET A 164 -0.24 -3.99 -16.67
N ALA A 165 -0.13 -5.20 -17.22
CA ALA A 165 1.18 -5.88 -17.33
C ALA A 165 2.15 -5.09 -18.21
N GLY A 166 1.71 -4.60 -19.37
CA GLY A 166 2.59 -3.84 -20.28
C GLY A 166 3.11 -2.52 -19.70
N THR A 167 2.27 -1.82 -18.95
CA THR A 167 2.65 -0.59 -18.27
C THR A 167 3.69 -0.85 -17.15
N LEU A 168 3.40 -1.81 -16.28
CA LEU A 168 4.38 -2.23 -15.24
C LEU A 168 5.69 -2.73 -15.86
N GLN A 169 5.58 -3.56 -16.89
CA GLN A 169 6.77 -4.07 -17.54
C GLN A 169 7.63 -2.96 -18.17
N LEU A 170 7.00 -2.04 -18.89
CA LEU A 170 7.70 -0.86 -19.43
C LEU A 170 8.28 0.02 -18.32
N GLY A 171 7.52 0.25 -17.24
CA GLY A 171 8.08 0.99 -16.11
C GLY A 171 9.37 0.38 -15.62
N ARG A 172 9.36 -0.94 -15.37
CA ARG A 172 10.55 -1.67 -14.90
C ARG A 172 11.69 -1.76 -15.96
N ALA A 173 11.35 -1.93 -17.24
CA ALA A 173 12.36 -1.88 -18.33
C ALA A 173 13.14 -0.56 -18.28
N LEU A 174 12.43 0.57 -18.10
CA LEU A 174 13.05 1.91 -18.10
C LEU A 174 13.70 2.28 -16.77
N ARG A 175 13.04 1.92 -15.66
CA ARG A 175 13.55 2.20 -14.32
C ARG A 175 13.59 0.90 -13.49
N PRO A 176 14.63 0.05 -13.73
CA PRO A 176 14.59 -1.32 -13.17
C PRO A 176 14.64 -1.42 -11.65
N ARG A 177 15.02 -0.31 -10.98
CA ARG A 177 15.12 -0.26 -9.51
C ARG A 177 13.85 0.32 -8.84
N GLY A 178 12.88 0.77 -9.63
CA GLY A 178 11.63 1.32 -9.10
C GLY A 178 10.77 0.25 -8.47
N LEU A 179 10.09 0.61 -7.40
CA LEU A 179 9.24 -0.35 -6.71
C LEU A 179 7.82 -0.19 -7.27
N TRP A 180 7.67 -0.70 -8.48
CA TRP A 180 6.49 -0.49 -9.32
C TRP A 180 5.36 -1.37 -8.85
N GLY A 181 4.19 -0.76 -8.66
CA GLY A 181 2.98 -1.53 -8.39
C GLY A 181 1.78 -0.63 -8.43
N PHE A 182 0.61 -1.24 -8.49
CA PHE A 182 -0.63 -0.48 -8.53
C PHE A 182 -1.20 -0.26 -7.16
N TYR A 183 -1.70 0.94 -6.93
CA TYR A 183 -2.41 1.23 -5.66
C TYR A 183 -3.67 0.32 -5.48
N GLY A 184 -3.85 -0.28 -4.28
CA GLY A 184 -5.12 -0.96 -4.00
C GLY A 184 -5.16 -2.41 -4.44
N PHE A 185 -4.00 -3.00 -4.75
CA PHE A 185 -3.94 -4.40 -5.17
C PHE A 185 -2.98 -5.15 -4.27
N PRO A 186 -3.33 -6.39 -3.86
CA PRO A 186 -4.67 -7.02 -4.06
C PRO A 186 -5.72 -6.40 -3.13
N ASP A 187 -7.01 -6.65 -3.41
CA ASP A 187 -8.04 -6.29 -2.49
C ASP A 187 -8.63 -7.58 -1.99
N CYS A 188 -8.90 -7.63 -0.71
CA CYS A 188 -9.39 -8.84 -0.07
C CYS A 188 -10.96 -8.80 -0.06
N TYR A 189 -11.54 -7.62 -0.30
CA TYR A 189 -13.01 -7.43 -0.34
C TYR A 189 -13.70 -7.97 0.93
N ASN A 190 -13.06 -7.83 2.09
CA ASN A 190 -13.61 -8.29 3.36
C ASN A 190 -14.38 -7.17 4.09
N TYR A 191 -15.25 -6.48 3.35
CA TYR A 191 -16.09 -5.36 3.84
C TYR A 191 -17.41 -5.84 4.47
N ASP A 192 -17.58 -7.15 4.62
CA ASP A 192 -18.79 -7.72 5.23
C ASP A 192 -18.92 -7.53 6.76
N PHE A 193 -18.70 -6.29 7.20
CA PHE A 193 -18.66 -5.94 8.62
C PHE A 193 -19.94 -6.26 9.35
N LEU A 194 -21.08 -6.05 8.69
CA LEU A 194 -22.39 -6.40 9.27
C LEU A 194 -22.80 -7.79 8.81
N SER A 195 -22.50 -8.75 9.66
CA SER A 195 -22.72 -10.15 9.46
C SER A 195 -22.42 -10.62 10.89
N PRO A 196 -23.22 -11.55 11.43
CA PRO A 196 -22.77 -12.10 12.72
C PRO A 196 -21.31 -12.68 12.70
N ASN A 197 -21.01 -13.54 11.73
CA ASN A 197 -19.81 -14.39 11.79
C ASN A 197 -18.49 -13.75 11.23
N TYR A 198 -18.36 -12.42 11.35
CA TYR A 198 -17.26 -11.65 10.74
C TYR A 198 -15.88 -12.08 11.25
N THR A 199 -15.08 -12.71 10.37
CA THR A 199 -13.69 -13.06 10.69
C THR A 199 -12.65 -12.13 10.01
N GLY A 200 -13.09 -11.27 9.08
CA GLY A 200 -12.15 -10.51 8.23
C GLY A 200 -11.58 -11.30 7.05
N GLN A 201 -11.89 -12.60 6.97
CA GLN A 201 -11.41 -13.44 5.85
C GLN A 201 -11.89 -12.94 4.48
N CYS A 202 -11.00 -12.99 3.49
CA CYS A 202 -11.37 -12.63 2.13
C CYS A 202 -12.41 -13.64 1.71
N PRO A 203 -13.60 -13.16 1.30
CA PRO A 203 -14.63 -14.13 0.94
C PRO A 203 -14.19 -15.16 -0.10
N SER A 204 -14.99 -16.23 -0.15
CA SER A 204 -15.12 -17.22 -1.25
C SER A 204 -14.12 -17.26 -2.45
N GLY A 205 -14.66 -16.86 -3.59
CA GLY A 205 -13.87 -16.90 -4.80
C GLY A 205 -13.10 -15.61 -4.99
N ILE A 206 -12.88 -14.87 -3.88
CA ILE A 206 -12.08 -13.64 -3.95
C ILE A 206 -10.63 -14.06 -4.11
N ARG A 207 -10.13 -14.88 -3.18
CA ARG A 207 -8.79 -15.42 -3.25
C ARG A 207 -8.55 -16.10 -4.57
N ALA A 208 -9.57 -16.81 -5.07
CA ALA A 208 -9.48 -17.53 -6.32
C ALA A 208 -9.32 -16.58 -7.50
N GLN A 209 -10.05 -15.47 -7.51
CA GLN A 209 -9.84 -14.41 -8.51
C GLN A 209 -8.47 -13.76 -8.41
N ASN A 210 -7.98 -13.52 -7.19
CA ASN A 210 -6.60 -13.02 -6.97
C ASN A 210 -5.48 -13.94 -7.49
N ASP A 211 -5.66 -15.25 -7.32
CA ASP A 211 -4.78 -16.25 -7.98
C ASP A 211 -4.73 -16.09 -9.50
N GLN A 212 -5.85 -15.75 -10.13
CA GLN A 212 -5.94 -15.44 -11.55
C GLN A 212 -5.23 -14.13 -11.94
N LEU A 213 -4.76 -13.40 -10.94
CA LEU A 213 -3.96 -12.22 -11.17
C LEU A 213 -2.47 -12.47 -10.92
N GLY A 214 -2.05 -13.72 -10.97
CA GLY A 214 -0.61 -14.06 -10.80
C GLY A 214 0.26 -13.28 -11.77
N TRP A 215 -0.22 -13.10 -12.98
CA TRP A 215 0.48 -12.28 -13.98
C TRP A 215 0.77 -10.87 -13.44
N LEU A 216 -0.18 -10.30 -12.71
CA LEU A 216 -0.07 -8.96 -12.08
C LEU A 216 0.98 -8.97 -11.01
N TRP A 217 0.91 -9.94 -10.08
CA TRP A 217 1.90 -10.04 -9.01
C TRP A 217 3.32 -10.25 -9.56
N GLY A 218 3.44 -11.03 -10.62
CA GLY A 218 4.74 -11.29 -11.28
C GLY A 218 5.32 -10.00 -11.86
N GLN A 219 4.48 -9.10 -12.36
CA GLN A 219 4.95 -7.87 -13.00
C GLN A 219 5.24 -6.74 -11.97
N SER A 220 4.77 -6.93 -10.71
CA SER A 220 4.93 -5.97 -9.60
C SER A 220 6.28 -6.09 -8.90
N ARG A 221 6.81 -4.94 -8.49
CA ARG A 221 8.03 -4.90 -7.67
C ARG A 221 7.78 -4.32 -6.23
N ALA A 222 6.54 -3.95 -5.96
CA ALA A 222 6.04 -3.80 -4.60
C ALA A 222 4.54 -3.98 -4.66
N LEU A 223 3.90 -4.25 -3.52
CA LEU A 223 2.44 -4.31 -3.43
C LEU A 223 1.97 -3.21 -2.49
N TYR A 224 0.88 -2.53 -2.91
CA TYR A 224 0.29 -1.42 -2.22
C TYR A 224 -1.19 -1.67 -1.91
N PRO A 225 -1.51 -2.69 -1.06
CA PRO A 225 -2.91 -2.88 -0.73
C PRO A 225 -3.39 -1.71 0.10
N SER A 226 -4.70 -1.43 0.05
CA SER A 226 -5.26 -0.37 0.86
C SER A 226 -5.85 -0.92 2.18
N ILE A 227 -5.53 -0.29 3.32
CA ILE A 227 -6.19 -0.65 4.57
C ILE A 227 -6.87 0.56 5.20
N TYR A 228 -7.52 1.35 4.32
CA TYR A 228 -8.40 2.42 4.76
C TYR A 228 -9.52 1.75 5.55
N MET A 229 -9.91 2.37 6.63
CA MET A 229 -10.88 1.77 7.52
C MET A 229 -12.22 2.49 7.34
N PRO A 230 -13.21 1.79 6.76
CA PRO A 230 -14.49 2.47 6.59
C PRO A 230 -15.04 3.08 7.86
N ALA A 231 -15.81 4.16 7.66
CA ALA A 231 -16.48 4.84 8.75
C ALA A 231 -17.21 3.90 9.73
N VAL A 232 -17.90 2.87 9.20
CA VAL A 232 -18.64 1.89 10.03
C VAL A 232 -17.80 1.11 11.01
N LEU A 233 -16.49 1.12 10.84
CA LEU A 233 -15.63 0.35 11.74
C LEU A 233 -15.50 1.11 13.05
N GLU A 234 -15.65 2.44 12.98
CA GLU A 234 -15.44 3.31 14.15
C GLU A 234 -16.24 2.80 15.29
N GLY A 235 -15.56 2.51 16.40
CA GLY A 235 -16.21 2.06 17.61
C GLY A 235 -16.71 0.64 17.60
N THR A 236 -16.19 -0.19 16.70
CA THR A 236 -16.38 -1.66 16.86
C THR A 236 -15.07 -2.39 17.20
N GLY A 237 -15.15 -3.72 17.37
CA GLY A 237 -13.94 -4.52 17.54
C GLY A 237 -13.51 -5.32 16.30
N LYS A 238 -13.73 -4.78 15.10
CA LYS A 238 -13.50 -5.55 13.86
C LYS A 238 -12.36 -5.02 13.00
N SER A 239 -11.82 -3.86 13.36
CA SER A 239 -10.71 -3.26 12.62
C SER A 239 -9.48 -4.17 12.44
N GLN A 240 -9.07 -4.86 13.51
CA GLN A 240 -7.83 -5.59 13.41
C GLN A 240 -7.92 -6.82 12.48
N MET A 241 -9.04 -7.54 12.52
CA MET A 241 -9.31 -8.69 11.63
C MET A 241 -9.43 -8.27 10.16
N TYR A 242 -10.08 -7.14 9.93
CA TYR A 242 -10.18 -6.49 8.61
C TYR A 242 -8.79 -6.22 8.05
N VAL A 243 -7.95 -5.49 8.79
CA VAL A 243 -6.56 -5.17 8.37
C VAL A 243 -5.70 -6.43 8.25
N GLN A 244 -5.80 -7.32 9.25
CA GLN A 244 -4.91 -8.47 9.28
C GLN A 244 -4.98 -9.24 8.01
N HIS A 245 -6.21 -9.48 7.52
CA HIS A 245 -6.41 -10.34 6.38
C HIS A 245 -6.07 -9.63 5.08
N ARG A 246 -6.11 -8.29 5.10
CA ARG A 246 -5.81 -7.52 3.86
C ARG A 246 -4.32 -7.52 3.65
N VAL A 247 -3.57 -7.36 4.74
CA VAL A 247 -2.10 -7.44 4.67
C VAL A 247 -1.65 -8.86 4.31
N ALA A 248 -2.19 -9.87 5.00
CA ALA A 248 -1.93 -11.28 4.74
C ALA A 248 -2.19 -11.67 3.29
N GLU A 249 -3.22 -11.11 2.67
CA GLU A 249 -3.50 -11.44 1.27
C GLU A 249 -2.41 -10.92 0.34
N ALA A 250 -1.83 -9.76 0.67
CA ALA A 250 -0.72 -9.25 -0.12
C ALA A 250 0.47 -10.20 0.00
N PHE A 251 0.84 -10.61 1.20
CA PHE A 251 1.86 -11.66 1.28
C PHE A 251 1.48 -12.96 0.62
N ARG A 252 0.22 -13.37 0.73
CA ARG A 252 -0.19 -14.63 0.11
C ARG A 252 0.05 -14.65 -1.39
N VAL A 253 -0.39 -13.62 -2.11
CA VAL A 253 -0.22 -13.61 -3.57
C VAL A 253 1.26 -13.45 -3.95
N ALA A 254 2.04 -12.74 -3.15
CA ALA A 254 3.49 -12.60 -3.39
C ALA A 254 4.14 -13.98 -3.32
N VAL A 255 3.85 -14.75 -2.28
CA VAL A 255 4.47 -16.04 -2.14
C VAL A 255 4.07 -16.99 -3.30
N ALA A 256 2.79 -17.01 -3.66
CA ALA A 256 2.29 -17.89 -4.72
C ALA A 256 2.86 -17.52 -6.11
N ALA A 257 3.32 -16.26 -6.28
CA ALA A 257 3.78 -15.79 -7.57
C ALA A 257 5.28 -16.01 -7.65
N GLY A 258 5.83 -16.66 -6.65
CA GLY A 258 7.23 -16.94 -6.67
C GLY A 258 8.05 -15.72 -6.29
N ASP A 259 7.49 -14.81 -5.49
CA ASP A 259 8.32 -13.68 -4.94
C ASP A 259 8.02 -13.39 -3.47
N PRO A 260 8.52 -14.24 -2.55
CA PRO A 260 8.24 -14.15 -1.12
C PRO A 260 8.80 -12.88 -0.53
N ASN A 261 9.69 -12.25 -1.28
CA ASN A 261 10.36 -11.04 -0.83
C ASN A 261 9.80 -9.72 -1.33
N LEU A 262 8.76 -9.78 -2.14
CA LEU A 262 8.07 -8.59 -2.68
C LEU A 262 7.73 -7.62 -1.54
N PRO A 263 8.32 -6.42 -1.54
CA PRO A 263 7.96 -5.47 -0.49
C PRO A 263 6.45 -5.19 -0.49
N VAL A 264 5.84 -5.24 0.69
CA VAL A 264 4.42 -4.93 0.86
C VAL A 264 4.35 -3.63 1.64
N LEU A 265 3.69 -2.62 1.07
CA LEU A 265 3.57 -1.32 1.75
C LEU A 265 2.14 -0.86 1.72
N PRO A 266 1.36 -1.25 2.73
CA PRO A 266 -0.06 -0.85 2.71
C PRO A 266 -0.30 0.65 2.77
N TYR A 267 -1.40 1.13 2.16
CA TYR A 267 -1.82 2.52 2.27
C TYR A 267 -2.75 2.65 3.46
N VAL A 268 -2.51 3.65 4.32
CA VAL A 268 -3.33 3.84 5.49
C VAL A 268 -3.74 5.31 5.56
N GLN A 269 -4.80 5.58 6.31
CA GLN A 269 -5.17 6.93 6.73
C GLN A 269 -5.11 7.08 8.25
N ILE A 270 -5.04 8.33 8.72
CA ILE A 270 -5.11 8.60 10.18
C ILE A 270 -6.52 9.06 10.61
N PHE A 271 -7.48 8.96 9.69
CA PHE A 271 -8.90 9.18 9.93
C PHE A 271 -9.68 7.92 9.49
N TYR A 272 -10.87 7.66 10.05
CA TYR A 272 -11.78 6.76 9.30
C TYR A 272 -11.99 7.28 7.86
N ASP A 273 -12.18 6.36 6.90
CA ASP A 273 -12.19 6.72 5.49
C ASP A 273 -13.42 7.62 5.24
N THR A 274 -13.21 8.70 4.49
CA THR A 274 -14.26 9.69 4.16
C THR A 274 -14.66 10.64 5.29
N THR A 275 -14.00 10.59 6.45
CA THR A 275 -14.39 11.36 7.63
C THR A 275 -13.29 12.31 8.08
N ASN A 276 -13.60 13.18 9.04
CA ASN A 276 -12.56 13.87 9.83
C ASN A 276 -12.44 13.29 11.23
N HIS A 277 -12.76 12.02 11.38
CA HIS A 277 -12.68 11.42 12.70
C HIS A 277 -11.32 10.75 12.79
N PHE A 278 -10.41 11.33 13.57
CA PHE A 278 -9.09 10.74 13.85
C PHE A 278 -9.16 9.32 14.39
N LEU A 279 -8.22 8.50 13.96
CA LEU A 279 -8.12 7.14 14.49
C LEU A 279 -7.59 7.19 15.90
N PRO A 280 -8.34 6.60 16.83
CA PRO A 280 -7.83 6.36 18.19
C PRO A 280 -6.48 5.62 18.16
N LEU A 281 -5.70 5.76 19.21
CA LEU A 281 -4.40 5.10 19.30
C LEU A 281 -4.48 3.60 18.98
N ASP A 282 -5.43 2.99 19.65
CA ASP A 282 -6.03 1.70 19.42
C ASP A 282 -6.00 1.22 17.96
N GLU A 283 -6.68 1.99 17.14
CA GLU A 283 -6.87 1.75 15.72
C GLU A 283 -5.58 1.92 14.89
N LEU A 284 -4.69 2.82 15.30
CA LEU A 284 -3.30 2.89 14.82
C LEU A 284 -2.55 1.56 15.02
N GLU A 285 -2.66 0.99 16.21
CA GLU A 285 -2.04 -0.31 16.51
C GLU A 285 -2.60 -1.40 15.59
N HIS A 286 -3.91 -1.36 15.39
CA HIS A 286 -4.66 -2.32 14.61
C HIS A 286 -4.42 -2.14 13.14
N SER A 287 -3.72 -1.07 12.76
CA SER A 287 -3.50 -0.81 11.32
C SER A 287 -2.03 -0.70 10.94
N LEU A 288 -1.37 0.37 11.34
CA LEU A 288 0.07 0.49 11.15
C LEU A 288 0.85 -0.53 11.99
N GLY A 289 0.46 -0.76 13.23
CA GLY A 289 1.11 -1.76 14.05
C GLY A 289 0.93 -3.15 13.48
N GLU A 290 -0.31 -3.47 13.14
CA GLU A 290 -0.60 -4.73 12.48
C GLU A 290 0.27 -5.00 11.23
N SER A 291 0.42 -3.99 10.35
CA SER A 291 1.20 -4.14 9.15
C SER A 291 2.65 -4.45 9.47
N ALA A 292 3.23 -3.68 10.39
CA ALA A 292 4.63 -3.92 10.78
C ALA A 292 4.83 -5.34 11.32
N ALA A 293 3.87 -5.82 12.11
CA ALA A 293 4.04 -7.11 12.84
C ALA A 293 3.97 -8.28 11.85
N GLN A 294 3.36 -8.04 10.68
CA GLN A 294 3.39 -9.04 9.61
C GLN A 294 4.65 -8.88 8.72
N GLY A 295 5.51 -7.95 9.05
CA GLY A 295 6.71 -7.77 8.19
C GLY A 295 6.46 -6.88 6.98
N ALA A 296 5.43 -5.99 7.01
CA ALA A 296 5.32 -4.98 5.95
C ALA A 296 6.63 -4.19 5.86
N ALA A 297 7.00 -3.78 4.65
CA ALA A 297 8.25 -3.00 4.40
C ALA A 297 8.10 -1.56 4.82
N GLY A 298 6.86 -1.14 5.05
CA GLY A 298 6.58 0.21 5.57
C GLY A 298 5.11 0.48 5.30
N VAL A 299 4.70 1.72 5.45
CA VAL A 299 3.29 2.02 5.19
C VAL A 299 3.33 3.41 4.47
N VAL A 300 2.36 3.63 3.58
CA VAL A 300 2.17 4.96 3.05
C VAL A 300 1.01 5.63 3.78
N LEU A 301 1.27 6.71 4.51
CA LEU A 301 0.14 7.40 5.18
C LEU A 301 -0.40 8.51 4.27
N TRP A 302 -1.53 8.22 3.62
CA TRP A 302 -2.13 9.12 2.67
C TRP A 302 -3.09 9.95 3.50
N VAL A 303 -2.98 11.28 3.37
CA VAL A 303 -3.92 12.22 3.94
C VAL A 303 -4.65 12.98 2.80
N SER A 304 -5.96 12.78 2.69
CA SER A 304 -6.77 13.49 1.73
C SER A 304 -6.63 15.00 1.83
N TRP A 305 -6.77 15.66 0.68
CA TRP A 305 -6.82 17.12 0.58
C TRP A 305 -7.94 17.66 1.46
N GLU A 306 -9.00 16.86 1.61
CA GLU A 306 -10.16 17.24 2.46
C GLU A 306 -9.76 17.50 3.88
N ASN A 307 -8.69 16.83 4.32
CA ASN A 307 -8.31 16.93 5.71
C ASN A 307 -7.22 17.96 6.01
N THR A 308 -6.56 18.46 4.98
CA THR A 308 -5.54 19.52 5.16
C THR A 308 -6.00 20.87 4.54
N ARG A 309 -7.29 21.00 4.25
CA ARG A 309 -7.78 22.17 3.54
C ARG A 309 -7.80 23.44 4.39
N THR A 310 -8.31 23.33 5.61
CA THR A 310 -8.54 24.49 6.45
C THR A 310 -7.48 24.63 7.55
N LYS A 311 -7.42 25.83 8.12
CA LYS A 311 -6.60 26.12 9.29
C LYS A 311 -7.00 25.21 10.48
N GLU A 312 -8.30 25.09 10.74
CA GLU A 312 -8.82 24.25 11.83
C GLU A 312 -8.37 22.78 11.71
N SER A 313 -8.60 22.19 10.53
CA SER A 313 -8.18 20.84 10.17
C SER A 313 -6.70 20.63 10.33
N CYS A 314 -5.92 21.61 9.83
CA CYS A 314 -4.47 21.55 9.84
C CYS A 314 -3.93 21.61 11.27
N GLN A 315 -4.56 22.45 12.06
CA GLN A 315 -4.21 22.60 13.45
C GLN A 315 -4.59 21.33 14.24
N ALA A 316 -5.71 20.68 13.92
CA ALA A 316 -6.06 19.43 14.60
C ALA A 316 -5.09 18.29 14.24
N ILE A 317 -4.55 18.31 13.01
CA ILE A 317 -3.51 17.37 12.59
C ILE A 317 -2.19 17.63 13.33
N LYS A 318 -1.81 18.91 13.43
CA LYS A 318 -0.62 19.28 14.18
C LYS A 318 -0.59 18.69 15.61
N GLU A 319 -1.74 18.81 16.30
CA GLU A 319 -1.93 18.41 17.68
C GLU A 319 -2.08 16.90 17.79
N TYR A 320 -2.71 16.26 16.78
CA TYR A 320 -2.75 14.81 16.72
C TYR A 320 -1.35 14.21 16.54
N MET A 321 -0.54 14.89 15.73
CA MET A 321 0.84 14.50 15.50
C MET A 321 1.60 14.51 16.83
N ASP A 322 1.44 15.58 17.62
CA ASP A 322 2.21 15.74 18.84
C ASP A 322 1.75 14.78 19.96
N THR A 323 0.45 14.58 20.12
CA THR A 323 -0.12 13.81 21.22
C THR A 323 -0.16 12.31 20.92
N THR A 324 -0.39 11.95 19.65
CA THR A 324 -0.78 10.58 19.29
C THR A 324 0.05 9.95 18.20
N LEU A 325 0.05 10.58 17.01
CA LEU A 325 0.64 9.96 15.84
C LEU A 325 2.15 9.90 15.85
N GLY A 326 2.82 10.99 16.18
CA GLY A 326 4.26 11.02 16.05
C GLY A 326 4.93 10.06 17.01
N PRO A 327 4.56 10.08 18.32
CA PRO A 327 5.15 9.10 19.21
C PRO A 327 4.89 7.68 18.80
N PHE A 328 3.70 7.41 18.28
CA PHE A 328 3.37 6.10 17.73
C PHE A 328 4.27 5.68 16.58
N ILE A 329 4.53 6.60 15.63
CA ILE A 329 5.41 6.29 14.52
C ILE A 329 6.83 5.90 14.97
N LEU A 330 7.45 6.73 15.78
CA LEU A 330 8.72 6.43 16.37
C LEU A 330 8.69 5.07 17.16
N ASN A 331 7.58 4.82 17.84
CA ASN A 331 7.42 3.64 18.66
C ASN A 331 7.48 2.40 17.76
N VAL A 332 6.59 2.34 16.77
CA VAL A 332 6.53 1.18 15.86
C VAL A 332 7.79 1.01 14.99
N THR A 333 8.40 2.12 14.58
CA THR A 333 9.58 2.07 13.74
C THR A 333 10.79 1.52 14.50
N SER A 334 10.97 2.00 15.72
CA SER A 334 12.00 1.56 16.62
C SER A 334 11.77 0.14 17.10
N GLY A 335 10.52 -0.25 17.37
CA GLY A 335 10.25 -1.64 17.85
C GLY A 335 10.67 -2.61 16.76
N ALA A 336 10.32 -2.29 15.52
CA ALA A 336 10.65 -3.12 14.36
C ALA A 336 12.15 -3.21 14.17
N LEU A 337 12.83 -2.06 14.25
CA LEU A 337 14.27 -2.00 14.10
C LEU A 337 14.98 -2.77 15.21
N LEU A 338 14.56 -2.52 16.46
CA LEU A 338 15.24 -3.15 17.60
C LEU A 338 15.06 -4.67 17.53
N CYS A 339 13.88 -5.10 17.12
CA CYS A 339 13.63 -6.54 17.05
C CYS A 339 14.53 -7.18 15.97
N SER A 340 14.59 -6.55 14.79
CA SER A 340 15.46 -6.95 13.69
C SER A 340 16.89 -7.10 14.18
N GLN A 341 17.35 -6.18 15.00
CA GLN A 341 18.72 -6.21 15.49
C GLN A 341 18.92 -7.32 16.52
N ALA A 342 17.94 -7.50 17.41
CA ALA A 342 18.11 -8.38 18.59
C ALA A 342 17.82 -9.81 18.21
N LEU A 343 16.85 -10.00 17.34
CA LEU A 343 16.40 -11.33 16.98
C LEU A 343 16.94 -11.84 15.64
N CYS A 344 17.16 -10.94 14.67
CA CYS A 344 17.38 -11.36 13.28
C CYS A 344 18.73 -10.87 12.76
N SER A 345 19.66 -10.67 13.69
CA SER A 345 21.03 -10.23 13.42
C SER A 345 21.11 -8.96 12.61
N GLY A 346 20.04 -8.13 12.60
CA GLY A 346 20.05 -6.94 11.74
C GLY A 346 19.87 -7.25 10.27
N HIS A 347 19.56 -8.51 9.92
CA HIS A 347 19.48 -8.95 8.50
C HIS A 347 18.17 -9.64 8.13
N GLY A 348 17.11 -9.34 8.89
CA GLY A 348 15.78 -9.75 8.53
C GLY A 348 14.78 -8.94 9.30
N ARG A 349 13.52 -9.13 8.95
CA ARG A 349 12.38 -8.55 9.64
C ARG A 349 11.80 -9.53 10.64
N CYS A 350 11.41 -9.03 11.84
CA CYS A 350 10.59 -9.81 12.76
C CYS A 350 9.18 -9.83 12.22
N VAL A 351 8.60 -11.01 12.35
CA VAL A 351 7.31 -11.39 11.81
C VAL A 351 6.66 -12.29 12.89
N ARG A 352 5.38 -12.05 13.18
CA ARG A 352 4.64 -12.80 14.21
C ARG A 352 4.82 -14.25 14.10
N ARG A 353 5.01 -14.96 15.20
CA ARG A 353 4.79 -16.42 15.16
C ARG A 353 3.28 -16.64 15.16
N THR A 354 2.90 -17.75 14.57
CA THR A 354 1.52 -18.06 14.34
C THR A 354 0.79 -18.42 15.69
N SER A 355 1.56 -18.91 16.64
CA SER A 355 1.14 -19.09 18.04
C SER A 355 0.83 -17.77 18.74
N HIS A 356 1.25 -16.62 18.16
CA HIS A 356 0.97 -15.30 18.77
C HIS A 356 0.30 -14.33 17.78
N PRO A 357 -0.95 -14.65 17.33
CA PRO A 357 -1.58 -13.99 16.16
C PRO A 357 -1.82 -12.50 16.28
N LYS A 358 -1.60 -11.95 17.47
CA LYS A 358 -1.89 -10.53 17.69
C LYS A 358 -0.72 -9.75 18.25
N ALA A 359 0.42 -10.42 18.40
CA ALA A 359 1.61 -9.75 18.87
C ALA A 359 1.96 -8.51 17.97
N LEU A 360 2.49 -7.47 18.59
CA LEU A 360 2.92 -6.26 17.91
C LEU A 360 4.36 -5.92 18.30
N LEU A 361 5.00 -5.09 17.48
CA LEU A 361 6.38 -4.67 17.67
C LEU A 361 6.43 -3.25 18.23
N LEU A 362 6.42 -3.09 19.52
CA LEU A 362 6.26 -1.79 20.15
C LEU A 362 7.29 -1.70 21.25
N LEU A 363 7.47 -0.51 21.81
CA LEU A 363 8.46 -0.35 22.87
C LEU A 363 7.78 -0.41 24.20
N ASN A 364 8.45 -1.04 25.16
CA ASN A 364 7.93 -1.14 26.51
C ASN A 364 8.07 0.21 27.20
N PRO A 365 6.96 0.80 27.73
CA PRO A 365 7.12 2.10 28.40
C PRO A 365 7.94 2.03 29.67
N ALA A 366 8.21 0.83 30.20
CA ALA A 366 9.09 0.68 31.33
C ALA A 366 10.56 0.72 30.95
N SER A 367 10.86 0.43 29.68
CA SER A 367 12.23 0.41 29.18
C SER A 367 12.61 1.68 28.41
N PHE A 368 11.62 2.30 27.78
CA PHE A 368 11.83 3.47 26.92
C PHE A 368 10.86 4.59 27.25
N SER A 369 11.29 5.81 26.93
CA SER A 369 10.48 6.99 27.06
C SER A 369 10.56 7.80 25.73
N ILE A 370 9.40 8.17 25.19
CA ILE A 370 9.40 8.93 23.95
C ILE A 370 9.00 10.31 24.36
N GLN A 371 9.79 11.31 24.00
CA GLN A 371 9.47 12.66 24.44
C GLN A 371 9.80 13.74 23.41
N LEU A 372 9.04 14.82 23.48
CA LEU A 372 9.32 15.98 22.66
C LEU A 372 10.47 16.79 23.23
N THR A 373 11.49 17.03 22.40
CA THR A 373 12.63 17.90 22.78
C THR A 373 12.19 19.37 22.86
N PRO A 374 12.48 20.06 23.99
CA PRO A 374 12.05 21.47 24.25
C PRO A 374 12.18 22.44 23.06
N GLY A 375 11.26 23.42 22.99
CA GLY A 375 11.22 24.34 21.89
C GLY A 375 10.65 23.61 20.69
N GLY A 376 11.14 22.39 20.46
CA GLY A 376 10.60 21.52 19.42
C GLY A 376 11.59 20.95 18.42
N GLY A 377 12.65 20.31 18.92
CA GLY A 377 13.44 19.42 18.07
C GLY A 377 12.53 18.24 17.74
N PRO A 378 13.06 17.21 17.07
CA PRO A 378 12.19 16.06 16.87
C PRO A 378 11.98 15.25 18.17
N LEU A 379 11.10 14.26 18.09
CA LEU A 379 10.91 13.35 19.21
C LEU A 379 12.22 12.63 19.41
N SER A 380 12.63 12.56 20.67
CA SER A 380 13.72 11.69 21.09
C SER A 380 13.21 10.39 21.71
N LEU A 381 14.05 9.39 21.58
CA LEU A 381 13.87 8.18 22.28
C LEU A 381 14.99 8.09 23.35
N ARG A 382 14.60 7.88 24.62
CA ARG A 382 15.54 7.59 25.71
C ARG A 382 15.32 6.17 26.28
N GLY A 383 16.41 5.55 26.74
CA GLY A 383 16.35 4.24 27.34
C GLY A 383 17.00 3.14 26.51
N ALA A 384 16.59 1.90 26.79
CA ALA A 384 17.27 0.72 26.26
C ALA A 384 16.36 -0.50 26.25
N LEU A 385 16.58 -1.37 25.27
CA LEU A 385 15.84 -2.61 25.21
C LEU A 385 16.31 -3.54 26.32
N SER A 386 15.41 -3.90 27.22
CA SER A 386 15.78 -4.74 28.35
C SER A 386 15.98 -6.17 27.87
N LEU A 387 16.66 -6.98 28.67
CA LEU A 387 16.74 -8.43 28.45
C LEU A 387 15.34 -9.10 28.49
N GLU A 388 14.44 -8.66 29.34
CA GLU A 388 13.04 -9.13 29.30
C GLU A 388 12.26 -8.73 28.03
N ASP A 389 12.50 -7.52 27.52
CA ASP A 389 11.91 -7.10 26.23
C ASP A 389 12.39 -8.03 25.15
N GLN A 390 13.69 -8.29 25.13
CA GLN A 390 14.27 -9.20 24.15
C GLN A 390 13.70 -10.64 24.28
N ALA A 391 13.59 -11.14 25.50
CA ALA A 391 12.93 -12.45 25.77
C ALA A 391 11.46 -12.47 25.25
N GLN A 392 10.71 -11.40 25.47
CA GLN A 392 9.36 -11.33 24.91
C GLN A 392 9.32 -11.36 23.35
N MET A 393 10.23 -10.66 22.69
CA MET A 393 10.37 -10.74 21.22
C MET A 393 10.64 -12.17 20.75
N ALA A 394 11.56 -12.87 21.44
CA ALA A 394 11.89 -14.26 21.11
C ALA A 394 10.68 -15.20 21.21
N VAL A 395 9.74 -14.88 22.08
CA VAL A 395 8.57 -15.71 22.13
C VAL A 395 7.47 -15.26 21.13
N GLU A 396 7.39 -13.99 20.81
CA GLU A 396 6.27 -13.58 19.98
C GLU A 396 6.53 -13.63 18.48
N PHE A 397 7.82 -13.54 18.12
CA PHE A 397 8.32 -13.25 16.79
C PHE A 397 9.36 -14.24 16.30
N LYS A 398 9.35 -14.47 14.98
CA LYS A 398 10.40 -15.16 14.24
C LYS A 398 10.92 -14.19 13.14
N CYS A 399 11.83 -14.67 12.29
CA CYS A 399 12.51 -13.85 11.31
C CYS A 399 12.10 -14.19 9.89
N ARG A 400 11.92 -13.15 9.09
CA ARG A 400 11.90 -13.31 7.64
C ARG A 400 13.14 -12.57 7.12
N CYS A 401 14.12 -13.32 6.62
CA CYS A 401 15.43 -12.73 6.32
C CYS A 401 15.38 -11.85 5.07
N TYR A 402 16.21 -10.81 5.05
CA TYR A 402 16.41 -10.08 3.81
C TYR A 402 16.99 -11.03 2.77
N PRO A 403 16.70 -10.80 1.47
CA PRO A 403 17.29 -11.64 0.44
C PRO A 403 18.83 -11.75 0.64
N GLY A 404 19.34 -12.96 0.54
CA GLY A 404 20.77 -13.19 0.76
C GLY A 404 21.15 -13.72 2.14
N TRP A 405 20.23 -13.73 3.10
CA TRP A 405 20.56 -14.14 4.46
C TRP A 405 19.76 -15.33 4.82
N GLN A 406 20.36 -16.20 5.61
CA GLN A 406 19.79 -17.52 5.85
C GLN A 406 19.00 -17.56 7.18
N ALA A 407 17.80 -18.11 7.04
CA ALA A 407 16.95 -18.54 8.10
C ALA A 407 17.65 -19.61 8.96
N PRO A 408 17.26 -19.74 10.26
CA PRO A 408 16.18 -18.97 10.93
C PRO A 408 16.52 -17.59 11.53
N TRP A 409 17.79 -17.26 11.79
CA TRP A 409 18.13 -16.01 12.46
C TRP A 409 18.90 -14.97 11.61
N CYS A 410 19.13 -15.26 10.34
CA CYS A 410 19.69 -14.26 9.35
C CYS A 410 21.11 -13.90 9.70
N GLU A 411 21.79 -14.85 10.33
CA GLU A 411 23.10 -14.61 10.87
C GLU A 411 24.17 -14.78 9.78
N ARG A 412 23.97 -15.76 8.91
CA ARG A 412 24.95 -16.12 7.87
C ARG A 412 24.33 -15.85 6.51
N LYS A 413 25.15 -15.46 5.54
CA LYS A 413 24.66 -15.26 4.17
C LYS A 413 24.19 -16.59 3.67
N SER A 414 23.19 -16.59 2.80
CA SER A 414 22.65 -17.82 2.29
C SER A 414 23.52 -18.48 1.23
N MET A 415 23.16 -19.74 0.98
CA MET A 415 23.81 -20.64 0.04
C MET A 415 24.31 -19.92 -1.22
N TRP A 416 23.38 -19.44 -2.05
CA TRP A 416 23.71 -19.09 -3.43
C TRP A 416 23.89 -17.62 -3.65
N THR A 417 24.78 -17.05 -2.84
CA THR A 417 24.99 -15.62 -2.69
C THR A 417 26.42 -15.14 -3.02
C1 NAG B . 4.55 2.04 22.31
C2 NAG B . 4.32 2.70 23.69
C3 NAG B . 3.43 1.79 24.49
C4 NAG B . 2.09 1.65 23.79
C5 NAG B . 2.21 1.32 22.28
C6 NAG B . 1.13 2.22 21.69
C7 NAG B . 6.29 3.89 24.66
C8 NAG B . 7.74 3.71 24.97
N2 NAG B . 5.59 2.81 24.37
O3 NAG B . 3.26 2.41 25.73
O4 NAG B . 1.30 0.62 24.38
O5 NAG B . 3.30 1.98 21.71
O6 NAG B . 0.20 1.37 21.23
O7 NAG B . 5.81 5.01 24.76
C1 NAG B . -0.09 0.94 24.53
C2 NAG B . -0.76 -0.35 24.90
C3 NAG B . -2.21 -0.14 25.33
C4 NAG B . -2.37 1.05 26.29
C5 NAG B . -1.61 2.26 25.79
C6 NAG B . -1.76 3.49 26.69
C7 NAG B . 0.13 -2.31 23.81
C8 NAG B . -0.02 -3.27 22.67
N2 NAG B . -0.76 -1.31 23.82
O3 NAG B . -2.67 -1.36 25.91
O4 NAG B . -3.73 1.41 26.30
O5 NAG B . -0.27 1.91 25.56
O6 NAG B . -0.72 3.52 27.66
O7 NAG B . 1.03 -2.41 24.66
C1 BMA B . -4.41 1.01 27.51
C2 BMA B . -5.66 1.89 27.56
C3 BMA B . -6.52 1.42 28.75
C4 BMA B . -6.94 -0.05 28.61
C5 BMA B . -5.61 -0.80 28.53
C6 BMA B . -5.74 -2.29 28.39
O2 BMA B . -6.39 1.84 26.34
O3 BMA B . -7.64 2.23 29.01
O4 BMA B . -7.68 -0.43 29.76
O5 BMA B . -4.80 -0.35 27.45
O6 BMA B . -4.48 -2.79 28.74
C1 MAN B . -4.47 -4.22 28.66
C2 MAN B . -3.06 -4.65 29.10
C3 MAN B . -2.08 -4.26 27.97
C4 MAN B . -2.52 -4.92 26.66
C5 MAN B . -3.96 -4.53 26.28
C6 MAN B . -4.44 -5.30 25.04
O2 MAN B . -3.10 -6.04 29.46
O3 MAN B . -0.73 -4.57 28.33
O4 MAN B . -1.62 -4.57 25.63
O5 MAN B . -4.84 -4.73 27.38
O6 MAN B . -5.84 -5.55 25.06
C1 MAN B . 0.23 -3.48 28.26
C2 MAN B . 1.58 -4.02 28.77
C3 MAN B . 1.62 -4.02 30.30
C4 MAN B . 1.32 -2.62 30.88
C5 MAN B . 0.05 -2.00 30.25
C6 MAN B . 0.05 -0.47 30.39
O2 MAN B . 2.66 -3.27 28.23
O3 MAN B . 2.86 -4.52 30.77
O4 MAN B . 1.24 -2.65 32.30
O5 MAN B . -0.16 -2.27 28.88
O6 MAN B . -1.29 -0.02 30.18
C1 MAN B . -7.44 3.57 28.50
C2 MAN B . -7.39 4.44 29.73
C3 MAN B . -8.78 4.19 30.38
C4 MAN B . -9.94 4.61 29.45
C5 MAN B . -9.81 3.85 28.12
C6 MAN B . -10.88 4.21 27.08
O2 MAN B . -7.07 5.77 29.34
O3 MAN B . -8.77 4.65 31.72
O4 MAN B . -11.22 4.27 29.97
O5 MAN B . -8.48 3.96 27.59
O6 MAN B . -11.78 3.13 26.94
C1 NAG C . -15.09 3.19 -28.31
C2 NAG C . -16.34 3.74 -27.56
C3 NAG C . -16.95 4.87 -28.40
C4 NAG C . -15.94 5.96 -28.74
C5 NAG C . -14.68 5.30 -29.36
C6 NAG C . -13.58 6.30 -29.57
C7 NAG C . -17.69 2.28 -26.07
C8 NAG C . -18.58 1.09 -25.96
N2 NAG C . -17.31 2.69 -27.28
O3 NAG C . -18.04 5.45 -27.73
O4 NAG C . -16.55 6.84 -29.68
O5 NAG C . -14.20 4.28 -28.51
O6 NAG C . -12.70 5.80 -30.53
O7 NAG C . -17.37 2.82 -25.03
C1 NAG C . -16.69 8.23 -29.27
C2 NAG C . -16.64 9.12 -30.53
C3 NAG C . -17.01 10.59 -30.26
C4 NAG C . -18.26 10.74 -29.37
C5 NAG C . -18.17 9.79 -28.16
C6 NAG C . -19.44 9.83 -27.31
C7 NAG C . -15.00 8.67 -32.32
C8 NAG C . -13.87 9.40 -33.01
N2 NAG C . -15.32 9.18 -31.13
O3 NAG C . -17.21 11.23 -31.51
O4 NAG C . -18.43 12.13 -29.02
O5 NAG C . -17.90 8.44 -28.55
O6 NAG C . -20.32 8.74 -27.53
O7 NAG C . -15.54 7.66 -32.82
C ACT D . 1.29 23.31 -1.84
O ACT D . 1.11 24.51 -1.59
OXT ACT D . 2.28 22.82 -1.25
CH3 ACT D . 0.42 22.53 -2.76
C ACT E . -5.47 21.35 -0.25
O ACT E . -5.13 20.65 0.78
OXT ACT E . -6.57 21.99 -0.21
CH3 ACT E . -4.66 21.45 -1.51
C ACT F . 8.49 -3.42 -22.90
O ACT F . 7.67 -4.19 -22.34
OXT ACT F . 8.03 -2.56 -23.70
CH3 ACT F . 9.94 -3.53 -22.63
C ACT G . -2.14 -15.99 -14.08
O ACT G . -1.76 -14.84 -14.07
OXT ACT G . -2.60 -16.32 -15.19
CH3 ACT G . -2.01 -16.87 -12.86
C ACT H . -5.59 7.27 -3.01
O ACT H . -6.04 6.79 -1.91
OXT ACT H . -6.41 7.49 -3.97
CH3 ACT H . -4.16 7.62 -3.16
C ACT I . 12.56 4.43 -0.78
O ACT I . 12.59 3.29 -1.28
OXT ACT I . 13.44 5.21 -1.23
CH3 ACT I . 11.55 4.76 0.26
C ACT J . 21.50 -5.33 6.06
O ACT J . 20.79 -4.35 6.36
OXT ACT J . 20.92 -6.45 5.98
CH3 ACT J . 22.99 -5.10 5.81
C1 GOL K . 12.96 -14.14 -4.39
O1 GOL K . 11.79 -13.40 -4.62
C2 GOL K . 12.88 -15.57 -4.94
O2 GOL K . 12.66 -16.46 -3.85
C3 GOL K . 14.21 -15.90 -5.62
O3 GOL K . 14.01 -16.32 -6.96
#